data_1Z8G
#
_entry.id   1Z8G
#
_cell.length_a   55.705
_cell.length_b   47.633
_cell.length_c   67.791
_cell.angle_alpha   90.00
_cell.angle_beta   108.24
_cell.angle_gamma   90.00
#
_symmetry.space_group_name_H-M   'P 1 21 1'
#
loop_
_entity.id
_entity.type
_entity.pdbx_description
1 polymer 'Serine protease hepsin'
2 polymer ACE-LYS-GLN-LEU-ARG-Chloromethylketone
3 water water
#
loop_
_entity_poly.entity_id
_entity_poly.type
_entity_poly.pdbx_seq_one_letter_code
_entity_poly.pdbx_strand_id
1 'polypeptide(L)'
;SDQEPLYPVQVSSADARLMVFDKTEGTWRLLCSSRSNARVAGLSCEEMGFLRALTHSELDVRTAGAAGTSGFFCVDEGRL
PHTQRLLEVISVCDCPRGRFLAAICQDCGRRKLPVDRIVGGRDTSLGRWPWQVSLRYDGAHLCGGSLLSGDWVLTAAHCF
PERNRVLSRWRVFAGAVAQASPHGLQLGVQAVVYHGGYLPFRDPNSEENSNDIALVHLSSPLPLTEYIQPVCLPAAGQAL
VDGKICTVTGWGNTQYYGQQAGVLQEARVPIISNDVCNGADFYGNQIKPKMFCAGYPEGGIDACQGDSGGPFVCEDSISR
TPRWRLCGIVSWGTGCALAQKPGVYTKVSDFREWIFQAIKTHSEASGMVTQL
;
A
2 'polypeptide(L)' (ACE)KQL(AR7)(0QE) L
#
loop_
_chem_comp.id
_chem_comp.type
_chem_comp.name
_chem_comp.formula
0QE non-polymer chloromethane 'C H3 Cl'
ACE non-polymer 'ACETYL GROUP' 'C2 H4 O'
AR7 peptide-like amino{[(4S)-4-amino-5,5-dihydroxypentyl]amino}methaniminium 'C6 H17 N4 O2 1'
#
# COMPACT_ATOMS: atom_id res chain seq x y z
N GLU A 4 19.30 -7.95 -1.78
CA GLU A 4 18.53 -8.94 -0.97
C GLU A 4 17.82 -9.95 -1.89
N PRO A 5 17.34 -11.07 -1.32
CA PRO A 5 16.64 -12.10 -2.10
C PRO A 5 15.51 -11.54 -2.97
N LEU A 6 15.52 -11.92 -4.24
CA LEU A 6 14.51 -11.48 -5.20
C LEU A 6 13.17 -12.18 -4.94
N TYR A 7 12.10 -11.57 -5.43
CA TYR A 7 10.76 -12.16 -5.27
C TYR A 7 10.65 -13.29 -6.31
N PRO A 8 10.01 -14.42 -5.94
CA PRO A 8 9.86 -15.57 -6.86
C PRO A 8 8.99 -15.31 -8.10
N VAL A 9 8.26 -14.20 -8.13
CA VAL A 9 7.44 -13.87 -9.29
C VAL A 9 7.96 -12.53 -9.79
N GLN A 10 8.24 -12.45 -11.09
CA GLN A 10 8.78 -11.24 -11.69
C GLN A 10 8.07 -10.92 -13.00
N VAL A 11 8.12 -9.65 -13.37
CA VAL A 11 7.53 -9.21 -14.64
C VAL A 11 8.61 -8.40 -15.35
N SER A 12 8.78 -8.68 -16.64
CA SER A 12 9.79 -8.00 -17.45
C SER A 12 9.42 -6.56 -17.77
N SER A 13 10.41 -5.66 -17.68
CA SER A 13 10.19 -4.27 -18.02
C SER A 13 10.30 -4.08 -19.52
N ALA A 14 10.86 -5.07 -20.19
CA ALA A 14 11.05 -5.03 -21.64
C ALA A 14 9.79 -5.37 -22.43
N ASP A 15 9.11 -6.45 -22.05
CA ASP A 15 7.89 -6.86 -22.75
C ASP A 15 6.80 -7.44 -21.86
N ALA A 16 6.89 -7.16 -20.56
CA ALA A 16 5.90 -7.61 -19.58
C ALA A 16 5.71 -9.12 -19.40
N ARG A 17 6.65 -9.92 -19.90
CA ARG A 17 6.53 -11.37 -19.73
C ARG A 17 6.61 -11.73 -18.25
N LEU A 18 5.79 -12.68 -17.81
CA LEU A 18 5.84 -13.11 -16.42
C LEU A 18 6.90 -14.20 -16.29
N MET A 19 7.68 -14.12 -15.22
CA MET A 19 8.74 -15.10 -14.97
C MET A 19 8.64 -15.58 -13.53
N VAL A 20 8.66 -16.90 -13.35
CA VAL A 20 8.55 -17.49 -12.02
C VAL A 20 9.77 -18.34 -11.71
N PHE A 21 10.28 -18.18 -10.50
CA PHE A 21 11.46 -18.91 -10.05
C PHE A 21 11.21 -20.39 -9.81
N ASP A 22 12.13 -21.23 -10.27
CA ASP A 22 12.05 -22.67 -10.08
C ASP A 22 13.16 -22.97 -9.09
N LYS A 23 12.80 -23.21 -7.82
CA LYS A 23 13.80 -23.47 -6.79
C LYS A 23 14.61 -24.74 -6.95
N THR A 24 14.11 -25.69 -7.75
CA THR A 24 14.83 -26.95 -7.94
C THR A 24 16.03 -26.75 -8.87
N GLU A 25 15.89 -25.85 -9.83
CA GLU A 25 16.95 -25.56 -10.80
C GLU A 25 17.69 -24.25 -10.49
N GLY A 26 17.07 -23.41 -9.67
CA GLY A 26 17.53 -22.03 -9.54
C GLY A 26 17.36 -21.20 -10.80
N THR A 27 16.46 -21.63 -11.68
CA THR A 27 16.21 -20.94 -12.94
C THR A 27 14.91 -20.16 -12.90
N TRP A 28 14.66 -19.41 -13.98
CA TRP A 28 13.43 -18.65 -14.14
C TRP A 28 12.69 -19.28 -15.29
N ARG A 29 11.39 -19.47 -15.13
CA ARG A 29 10.58 -20.07 -16.19
C ARG A 29 9.44 -19.15 -16.59
N LEU A 30 8.96 -19.35 -17.81
CA LEU A 30 7.84 -18.56 -18.33
C LEU A 30 6.56 -19.30 -17.97
N LEU A 31 5.43 -18.60 -18.05
CA LEU A 31 4.13 -19.19 -17.75
C LEU A 31 3.43 -19.52 -19.07
N CYS A 32 3.22 -20.80 -19.32
CA CYS A 32 2.58 -21.24 -20.56
C CYS A 32 1.16 -20.68 -20.67
N SER A 33 0.82 -20.17 -21.84
CA SER A 33 -0.50 -19.60 -22.09
C SER A 33 -1.60 -20.63 -21.89
N SER A 34 -2.69 -20.20 -21.28
CA SER A 34 -3.84 -21.07 -21.03
C SER A 34 -5.11 -20.23 -21.11
N ARG A 35 -6.26 -20.87 -21.01
CA ARG A 35 -7.52 -20.15 -21.06
C ARG A 35 -7.75 -19.34 -19.79
N SER A 36 -6.89 -19.54 -18.80
CA SER A 36 -6.98 -18.83 -17.53
C SER A 36 -5.96 -17.69 -17.45
N ASN A 37 -5.47 -17.23 -18.60
CA ASN A 37 -4.49 -16.14 -18.65
C ASN A 37 -4.91 -14.93 -17.83
N ALA A 38 -6.17 -14.52 -17.94
CA ALA A 38 -6.68 -13.37 -17.22
C ALA A 38 -6.47 -13.44 -15.71
N ARG A 39 -6.88 -14.55 -15.10
CA ARG A 39 -6.71 -14.71 -13.66
C ARG A 39 -5.26 -14.97 -13.26
N VAL A 40 -4.51 -15.66 -14.11
CA VAL A 40 -3.10 -15.92 -13.80
C VAL A 40 -2.37 -14.58 -13.76
N ALA A 41 -2.70 -13.71 -14.71
CA ALA A 41 -2.10 -12.38 -14.79
C ALA A 41 -2.49 -11.59 -13.55
N GLY A 42 -3.77 -11.62 -13.20
CA GLY A 42 -4.26 -10.93 -12.02
C GLY A 42 -3.59 -11.38 -10.74
N LEU A 43 -3.57 -12.69 -10.52
CA LEU A 43 -2.96 -13.25 -9.32
C LEU A 43 -1.47 -12.92 -9.26
N SER A 44 -0.79 -13.03 -10.40
CA SER A 44 0.64 -12.74 -10.45
C SER A 44 0.92 -11.29 -10.03
N CYS A 45 0.16 -10.35 -10.59
CA CYS A 45 0.34 -8.95 -10.25
C CYS A 45 0.08 -8.71 -8.76
N GLU A 46 -0.98 -9.31 -8.24
CA GLU A 46 -1.31 -9.17 -6.82
C GLU A 46 -0.18 -9.74 -5.95
N GLU A 47 0.30 -10.92 -6.33
CA GLU A 47 1.37 -11.59 -5.62
C GLU A 47 2.62 -10.72 -5.50
N MET A 48 2.94 -10.02 -6.59
CA MET A 48 4.13 -9.16 -6.62
C MET A 48 3.98 -7.83 -5.89
N GLY A 49 2.75 -7.50 -5.48
CA GLY A 49 2.56 -6.25 -4.77
C GLY A 49 1.92 -5.16 -5.61
N PHE A 50 1.58 -5.48 -6.85
CA PHE A 50 0.91 -4.53 -7.72
C PHE A 50 -0.57 -4.66 -7.34
N LEU A 51 -1.37 -3.65 -7.65
CA LEU A 51 -2.78 -3.71 -7.30
C LEU A 51 -3.58 -4.71 -8.14
N ARG A 52 -3.24 -4.79 -9.42
CA ARG A 52 -3.95 -5.68 -10.33
C ARG A 52 -3.28 -5.65 -11.70
N ALA A 53 -3.80 -6.46 -12.61
CA ALA A 53 -3.29 -6.50 -13.98
C ALA A 53 -4.21 -5.61 -14.81
N LEU A 54 -3.64 -4.65 -15.53
CA LEU A 54 -4.42 -3.76 -16.37
C LEU A 54 -4.87 -4.54 -17.60
N THR A 55 -3.93 -5.26 -18.20
CA THR A 55 -4.18 -6.07 -19.38
C THR A 55 -3.17 -7.21 -19.40
N HIS A 56 -3.33 -8.11 -20.35
CA HIS A 56 -2.42 -9.24 -20.51
C HIS A 56 -2.40 -9.63 -21.97
N SER A 57 -1.43 -10.42 -22.37
CA SER A 57 -1.32 -10.85 -23.77
C SER A 57 -0.43 -12.07 -23.90
N GLU A 58 -0.34 -12.59 -25.12
CA GLU A 58 0.49 -13.75 -25.42
C GLU A 58 1.74 -13.34 -26.17
N LEU A 59 2.82 -14.05 -25.89
CA LEU A 59 4.08 -13.81 -26.58
C LEU A 59 4.49 -15.14 -27.18
N ASP A 60 5.26 -15.08 -28.27
CA ASP A 60 5.72 -16.27 -28.95
C ASP A 60 7.23 -16.37 -28.80
N VAL A 61 7.70 -17.44 -28.18
CA VAL A 61 9.14 -17.61 -27.97
C VAL A 61 9.94 -17.58 -29.28
N ARG A 62 9.28 -17.94 -30.38
CA ARG A 62 9.96 -17.95 -31.68
C ARG A 62 10.27 -16.55 -32.20
N THR A 63 9.51 -15.55 -31.75
CA THR A 63 9.72 -14.18 -32.18
C THR A 63 10.12 -13.26 -31.03
N ALA A 64 9.84 -13.70 -29.81
CA ALA A 64 10.15 -12.91 -28.61
C ALA A 64 11.39 -13.39 -27.87
N GLY A 65 11.84 -14.60 -28.17
CA GLY A 65 12.96 -15.18 -27.44
C GLY A 65 12.62 -15.62 -26.03
N ALA A 66 13.55 -16.32 -25.38
CA ALA A 66 13.35 -16.80 -24.02
C ALA A 66 13.74 -15.74 -23.01
N ALA A 67 14.66 -14.85 -23.42
CA ALA A 67 15.13 -13.77 -22.57
C ALA A 67 15.41 -14.18 -21.13
N GLY A 68 16.38 -15.05 -20.94
CA GLY A 68 16.85 -15.31 -19.59
C GLY A 68 15.98 -16.28 -18.81
N THR A 69 15.30 -17.17 -19.51
CA THR A 69 14.46 -18.16 -18.86
C THR A 69 14.84 -19.54 -19.37
N SER A 70 14.50 -20.58 -18.62
CA SER A 70 14.83 -21.93 -19.00
C SER A 70 13.62 -22.84 -18.84
N GLY A 71 12.69 -22.77 -19.78
CA GLY A 71 11.55 -23.67 -19.72
C GLY A 71 10.27 -22.98 -19.36
N PHE A 72 9.25 -23.78 -19.07
CA PHE A 72 7.93 -23.26 -18.76
C PHE A 72 7.28 -23.90 -17.54
N PHE A 73 6.30 -23.19 -17.00
CA PHE A 73 5.51 -23.66 -15.88
C PHE A 73 4.08 -23.68 -16.45
N CYS A 74 3.28 -24.66 -16.06
CA CYS A 74 1.90 -24.73 -16.52
C CYS A 74 1.01 -24.60 -15.28
N VAL A 75 -0.08 -23.85 -15.42
CA VAL A 75 -1.00 -23.65 -14.31
C VAL A 75 -2.08 -24.72 -14.23
N ASP A 76 -2.26 -25.28 -13.04
CA ASP A 76 -3.30 -26.29 -12.83
C ASP A 76 -4.59 -25.49 -12.74
N GLU A 77 -5.31 -25.43 -13.85
CA GLU A 77 -6.55 -24.68 -13.92
C GLU A 77 -7.68 -25.26 -13.07
N GLY A 78 -7.48 -26.47 -12.56
CA GLY A 78 -8.39 -27.00 -11.57
C GLY A 78 -8.14 -26.50 -10.15
N ARG A 79 -6.88 -26.27 -9.82
CA ARG A 79 -6.53 -25.79 -8.49
C ARG A 79 -6.47 -24.27 -8.36
N LEU A 80 -6.23 -23.59 -9.48
CA LEU A 80 -6.12 -22.14 -9.49
C LEU A 80 -7.27 -21.38 -8.82
N PRO A 81 -8.53 -21.77 -9.10
CA PRO A 81 -9.67 -21.08 -8.48
C PRO A 81 -9.69 -21.17 -6.95
N HIS A 82 -9.12 -22.24 -6.41
CA HIS A 82 -9.11 -22.45 -4.96
C HIS A 82 -7.76 -22.21 -4.30
N THR A 83 -6.99 -21.25 -4.80
CA THR A 83 -5.68 -20.96 -4.23
C THR A 83 -5.44 -19.46 -4.14
N GLN A 84 -4.56 -19.06 -3.23
CA GLN A 84 -4.20 -17.66 -3.06
C GLN A 84 -2.75 -17.45 -3.45
N ARG A 85 -2.01 -18.55 -3.59
CA ARG A 85 -0.60 -18.49 -3.97
C ARG A 85 -0.37 -19.21 -5.30
N LEU A 86 0.13 -18.46 -6.28
CA LEU A 86 0.42 -18.98 -7.61
C LEU A 86 1.40 -20.14 -7.61
N LEU A 87 2.42 -20.04 -6.77
CA LEU A 87 3.46 -21.05 -6.67
C LEU A 87 2.95 -22.45 -6.33
N GLU A 88 1.79 -22.51 -5.68
CA GLU A 88 1.20 -23.79 -5.29
C GLU A 88 0.47 -24.53 -6.41
N VAL A 89 0.13 -23.82 -7.48
CA VAL A 89 -0.60 -24.45 -8.58
C VAL A 89 0.14 -24.54 -9.90
N ILE A 90 1.47 -24.51 -9.86
CA ILE A 90 2.24 -24.60 -11.09
C ILE A 90 3.18 -25.79 -11.09
N SER A 91 3.45 -26.31 -12.28
CA SER A 91 4.34 -27.45 -12.45
C SER A 91 5.03 -27.33 -13.81
N VAL A 92 6.22 -27.90 -13.91
CA VAL A 92 7.00 -27.86 -15.14
C VAL A 92 6.29 -28.59 -16.28
N CYS A 93 6.32 -27.97 -17.47
CA CYS A 93 5.69 -28.56 -18.64
C CYS A 93 6.45 -28.16 -19.90
N ASP A 94 6.22 -28.89 -20.98
CA ASP A 94 6.90 -28.62 -22.24
C ASP A 94 6.42 -27.39 -22.99
N CYS A 95 5.12 -27.09 -22.90
CA CYS A 95 4.52 -25.94 -23.58
C CYS A 95 5.01 -25.92 -25.04
N PRO A 96 4.62 -26.95 -25.82
CA PRO A 96 4.95 -27.17 -27.23
C PRO A 96 4.74 -26.00 -28.18
N ARG A 97 3.60 -25.33 -28.11
CA ARG A 97 3.35 -24.21 -29.02
C ARG A 97 4.13 -22.94 -28.68
N GLY A 98 4.70 -22.89 -27.48
CA GLY A 98 5.71 -21.88 -27.20
C GLY A 98 5.13 -20.50 -26.91
N ARG A 99 3.83 -20.45 -26.64
CA ARG A 99 3.15 -19.21 -26.32
C ARG A 99 3.10 -19.05 -24.81
N PHE A 100 3.55 -17.90 -24.32
CA PHE A 100 3.56 -17.64 -22.89
C PHE A 100 2.86 -16.35 -22.50
N LEU A 101 2.59 -16.20 -21.21
CA LEU A 101 1.87 -15.05 -20.69
C LEU A 101 2.66 -13.79 -20.33
N ALA A 102 2.12 -12.66 -20.77
CA ALA A 102 2.69 -11.34 -20.48
C ALA A 102 1.57 -10.60 -19.77
N ALA A 103 1.92 -9.82 -18.76
CA ALA A 103 0.91 -9.10 -18.02
C ALA A 103 1.37 -7.70 -17.66
N ILE A 104 0.55 -6.71 -17.99
CA ILE A 104 0.88 -5.33 -17.67
C ILE A 104 0.25 -5.00 -16.33
N CYS A 105 1.01 -5.16 -15.27
CA CYS A 105 0.52 -4.83 -13.94
C CYS A 105 0.55 -3.31 -13.86
N GLN A 106 -0.28 -2.74 -13.01
CA GLN A 106 -0.28 -1.30 -12.85
C GLN A 106 1.01 -0.87 -12.16
N ASP A 107 1.83 -0.08 -12.84
CA ASP A 107 3.10 0.39 -12.28
C ASP A 107 2.85 1.13 -10.97
N CYS A 108 3.77 0.98 -10.02
CA CYS A 108 3.65 1.62 -8.73
C CYS A 108 5.01 1.82 -8.09
N GLY A 109 5.08 2.76 -7.15
CA GLY A 109 6.18 2.78 -6.19
C GLY A 109 7.43 3.43 -6.71
N ARG A 110 7.35 4.04 -7.90
CA ARG A 110 8.51 4.68 -8.49
C ARG A 110 8.32 6.15 -8.82
N ARG A 111 9.37 6.94 -8.57
CA ARG A 111 9.34 8.36 -8.85
C ARG A 111 9.58 8.55 -10.34
N LYS A 112 9.00 9.62 -10.90
CA LYS A 112 9.15 9.89 -12.34
C LYS A 112 9.83 11.22 -12.59
N LEU A 113 10.47 11.75 -11.56
CA LEU A 113 11.19 13.02 -11.67
C LEU A 113 12.48 12.81 -12.45
N PRO A 114 12.97 13.86 -13.13
CA PRO A 114 14.22 13.74 -13.89
C PRO A 114 15.36 13.23 -13.00
N ILE A 118 3.74 15.46 11.37
CA ILE A 118 5.03 14.80 11.49
C ILE A 118 5.94 15.66 12.36
N VAL A 119 6.51 15.07 13.39
CA VAL A 119 7.40 15.78 14.31
C VAL A 119 8.84 15.38 14.01
N GLY A 120 9.73 16.37 13.93
CA GLY A 120 11.14 16.08 13.77
C GLY A 120 11.52 15.74 12.34
N GLY A 121 10.62 16.04 11.41
CA GLY A 121 10.87 15.79 10.01
C GLY A 121 11.30 17.06 9.32
N ARG A 122 11.23 17.06 7.99
CA ARG A 122 11.61 18.24 7.21
C ARG A 122 10.70 18.41 6.01
N ASP A 123 10.69 19.61 5.45
CA ASP A 123 9.88 19.89 4.27
C ASP A 123 10.36 18.97 3.15
N THR A 124 9.43 18.38 2.42
CA THR A 124 9.81 17.52 1.32
C THR A 124 9.61 18.32 0.03
N SER A 125 9.86 17.68 -1.11
CA SER A 125 9.71 18.34 -2.40
C SER A 125 8.73 17.61 -3.30
N LEU A 126 8.23 18.30 -4.32
CA LEU A 126 7.29 17.74 -5.28
C LEU A 126 7.83 16.46 -5.91
N GLY A 127 6.98 15.44 -6.00
CA GLY A 127 7.30 14.26 -6.78
C GLY A 127 8.09 13.22 -6.00
N ARG A 128 8.51 13.56 -4.78
CA ARG A 128 9.28 12.63 -3.97
C ARG A 128 8.40 11.53 -3.39
N TRP A 129 7.17 11.88 -3.02
CA TRP A 129 6.21 10.93 -2.47
C TRP A 129 4.91 11.22 -3.22
N PRO A 130 4.88 10.89 -4.53
CA PRO A 130 3.73 11.12 -5.43
C PRO A 130 2.43 10.41 -5.09
N TRP A 131 2.47 9.47 -4.15
CA TRP A 131 1.27 8.74 -3.72
C TRP A 131 0.56 9.43 -2.55
N GLN A 132 1.24 10.36 -1.89
CA GLN A 132 0.65 11.06 -0.75
C GLN A 132 -0.51 11.98 -1.13
N VAL A 133 -1.64 11.82 -0.46
CA VAL A 133 -2.78 12.69 -0.71
C VAL A 133 -3.27 13.24 0.62
N SER A 134 -3.98 14.36 0.54
CA SER A 134 -4.55 15.02 1.71
C SER A 134 -6.06 14.83 1.66
N LEU A 135 -6.62 14.33 2.75
CA LEU A 135 -8.07 14.11 2.85
C LEU A 135 -8.61 15.28 3.67
N ARG A 136 -9.43 16.10 3.02
CA ARG A 136 -10.00 17.29 3.65
C ARG A 136 -11.52 17.23 3.76
N TYR A 137 -12.04 17.67 4.89
CA TYR A 137 -13.48 17.69 5.11
C TYR A 137 -13.90 19.13 5.39
N ASP A 138 -14.82 19.65 4.60
CA ASP A 138 -15.28 21.05 4.77
C ASP A 138 -14.08 21.99 4.86
N GLY A 139 -13.04 21.69 4.09
CA GLY A 139 -11.94 22.63 3.94
C GLY A 139 -10.79 22.47 4.92
N ALA A 140 -10.90 21.51 5.82
CA ALA A 140 -9.85 21.28 6.79
C ALA A 140 -9.14 19.96 6.53
N HIS A 141 -7.82 20.00 6.47
CA HIS A 141 -7.04 18.78 6.29
C HIS A 141 -7.23 17.97 7.57
N LEU A 142 -7.65 16.72 7.44
CA LEU A 142 -7.86 15.88 8.62
C LEU A 142 -7.02 14.62 8.61
N CYS A 143 -6.76 14.09 7.42
CA CYS A 143 -5.99 12.88 7.31
C CYS A 143 -5.13 12.82 6.06
N GLY A 144 -4.13 11.95 6.10
CA GLY A 144 -3.45 11.56 4.88
C GLY A 144 -4.04 10.32 4.23
N GLY A 145 -3.48 9.97 3.09
CA GLY A 145 -3.91 8.80 2.36
C GLY A 145 -2.84 8.45 1.33
N SER A 146 -2.89 7.24 0.81
CA SER A 146 -1.93 6.79 -0.19
C SER A 146 -2.64 6.24 -1.41
N LEU A 147 -2.27 6.74 -2.58
CA LEU A 147 -2.88 6.28 -3.82
C LEU A 147 -2.42 4.88 -4.18
N LEU A 148 -3.38 4.00 -4.46
CA LEU A 148 -3.06 2.64 -4.88
C LEU A 148 -3.28 2.56 -6.38
N SER A 149 -3.93 3.59 -6.92
CA SER A 149 -4.21 3.73 -8.34
C SER A 149 -4.66 5.18 -8.56
N GLY A 150 -5.07 5.50 -9.78
CA GLY A 150 -5.59 6.83 -10.05
C GLY A 150 -6.88 7.17 -9.33
N ASP A 151 -7.65 6.16 -8.94
CA ASP A 151 -8.91 6.42 -8.26
C ASP A 151 -9.19 5.74 -6.92
N TRP A 152 -8.21 5.00 -6.40
CA TRP A 152 -8.39 4.35 -5.10
C TRP A 152 -7.28 4.77 -4.15
N VAL A 153 -7.68 5.16 -2.94
CA VAL A 153 -6.75 5.62 -1.90
C VAL A 153 -6.89 4.77 -0.64
N LEU A 154 -5.76 4.37 -0.05
CA LEU A 154 -5.80 3.60 1.19
C LEU A 154 -5.54 4.60 2.32
N THR A 155 -6.36 4.52 3.37
CA THR A 155 -6.24 5.44 4.52
C THR A 155 -6.68 4.72 5.80
N ALA A 156 -6.94 5.48 6.86
CA ALA A 156 -7.35 4.90 8.15
C ALA A 156 -8.85 5.05 8.36
N ALA A 157 -9.46 4.02 8.94
CA ALA A 157 -10.89 4.05 9.20
C ALA A 157 -11.28 5.13 10.21
N HIS A 158 -10.39 5.45 11.15
CA HIS A 158 -10.72 6.45 12.16
C HIS A 158 -10.81 7.87 11.59
N CYS A 159 -10.48 8.01 10.30
CA CYS A 159 -10.57 9.32 9.66
C CYS A 159 -12.03 9.62 9.34
N PHE A 160 -12.90 8.65 9.59
CA PHE A 160 -14.31 8.81 9.30
C PHE A 160 -15.23 8.66 10.50
N PRO A 161 -15.05 9.51 11.53
CA PRO A 161 -15.93 9.40 12.68
C PRO A 161 -17.32 9.92 12.28
N GLU A 162 -18.30 9.76 13.16
CA GLU A 162 -19.67 10.18 12.88
C GLU A 162 -19.83 11.55 12.21
N ARG A 163 -19.08 12.55 12.66
CA ARG A 163 -19.20 13.89 12.10
C ARG A 163 -18.56 14.16 10.75
N ASN A 164 -17.83 13.19 10.20
CA ASN A 164 -17.19 13.38 8.91
C ASN A 164 -17.58 12.26 7.95
N ARG A 165 -18.89 12.08 7.74
CA ARG A 165 -19.35 11.01 6.87
C ARG A 165 -20.20 11.43 5.66
N VAL A 166 -20.39 12.72 5.46
CA VAL A 166 -21.14 13.19 4.29
C VAL A 166 -20.10 13.25 3.18
N LEU A 167 -20.13 12.26 2.29
CA LEU A 167 -19.14 12.18 1.22
C LEU A 167 -18.97 13.42 0.33
N SER A 168 -20.05 14.15 0.09
CA SER A 168 -19.98 15.34 -0.75
C SER A 168 -19.13 16.43 -0.12
N ARG A 169 -18.83 16.30 1.17
CA ARG A 169 -18.03 17.28 1.88
C ARG A 169 -16.56 16.92 2.03
N TRP A 170 -16.18 15.78 1.46
CA TRP A 170 -14.79 15.33 1.48
C TRP A 170 -14.15 15.65 0.15
N ARG A 171 -12.84 15.92 0.17
CA ARG A 171 -12.09 16.18 -1.04
C ARG A 171 -10.72 15.54 -0.87
N VAL A 172 -10.15 15.07 -1.99
CA VAL A 172 -8.84 14.44 -1.97
C VAL A 172 -7.89 15.31 -2.78
N PHE A 173 -6.90 15.87 -2.10
CA PHE A 173 -5.91 16.77 -2.69
C PHE A 173 -4.64 16.00 -3.03
N ALA A 174 -4.25 16.03 -4.29
CA ALA A 174 -3.06 15.32 -4.77
C ALA A 174 -2.12 16.20 -5.58
N GLY A 175 -0.88 15.76 -5.72
CA GLY A 175 -0.02 16.30 -6.76
C GLY A 175 0.68 17.59 -6.36
N ALA A 176 0.65 17.90 -5.07
CA ALA A 176 1.30 19.10 -4.55
C ALA A 176 1.72 18.87 -3.11
N VAL A 177 2.80 19.53 -2.69
CA VAL A 177 3.27 19.39 -1.31
C VAL A 177 2.86 20.56 -0.43
N ALA A 178 2.57 21.71 -1.03
CA ALA A 178 2.14 22.87 -0.26
C ALA A 178 0.61 22.82 -0.16
N GLN A 179 0.08 22.82 1.06
CA GLN A 179 -1.36 22.74 1.27
C GLN A 179 -2.16 23.81 0.53
N ALA A 180 -1.63 25.03 0.49
CA ALA A 180 -2.31 26.14 -0.16
C ALA A 180 -2.05 26.28 -1.65
N SER A 181 -1.37 25.31 -2.24
CA SER A 181 -1.07 25.36 -3.66
C SER A 181 -2.29 25.18 -4.55
N PRO A 182 -2.45 26.07 -5.54
CA PRO A 182 -3.58 25.99 -6.48
C PRO A 182 -3.19 25.19 -7.72
N HIS A 183 -2.02 24.56 -7.67
CA HIS A 183 -1.51 23.78 -8.79
C HIS A 183 -1.63 22.27 -8.61
N GLY A 184 -2.20 21.85 -7.50
CA GLY A 184 -2.51 20.43 -7.35
C GLY A 184 -3.84 20.08 -7.99
N LEU A 185 -4.33 18.89 -7.69
CA LEU A 185 -5.61 18.44 -8.20
C LEU A 185 -6.42 17.98 -7.00
N GLN A 186 -7.69 18.32 -6.98
CA GLN A 186 -8.55 17.95 -5.86
C GLN A 186 -9.87 17.41 -6.38
N LEU A 187 -10.12 16.12 -6.11
CA LEU A 187 -11.33 15.46 -6.58
C LEU A 187 -12.25 15.03 -5.45
N GLY A 188 -13.49 14.71 -5.84
CA GLY A 188 -14.48 14.26 -4.87
C GLY A 188 -14.37 12.79 -4.52
N VAL A 189 -15.27 12.35 -3.65
CA VAL A 189 -15.29 10.97 -3.17
C VAL A 189 -16.58 10.25 -3.53
N GLN A 190 -16.46 9.09 -4.16
CA GLN A 190 -17.63 8.31 -4.55
C GLN A 190 -18.03 7.36 -3.42
N ALA A 191 -17.04 6.76 -2.77
CA ALA A 191 -17.33 5.81 -1.71
C ALA A 191 -16.16 5.65 -0.74
N VAL A 192 -16.49 5.19 0.46
CA VAL A 192 -15.49 4.93 1.48
C VAL A 192 -15.81 3.53 2.00
N VAL A 193 -14.89 2.60 1.77
CA VAL A 193 -15.06 1.23 2.24
C VAL A 193 -14.19 1.10 3.49
N TYR A 194 -14.81 1.04 4.65
CA TYR A 194 -14.08 0.91 5.90
C TYR A 194 -14.16 -0.50 6.44
N HIS A 195 -13.12 -0.89 7.20
CA HIS A 195 -13.06 -2.24 7.76
C HIS A 195 -14.16 -2.45 8.81
N GLY A 196 -14.94 -3.50 8.64
CA GLY A 196 -16.05 -3.78 9.53
C GLY A 196 -15.60 -4.21 10.92
N GLY A 197 -14.31 -4.52 11.04
CA GLY A 197 -13.75 -4.93 12.32
C GLY A 197 -13.21 -3.76 13.13
N TYR A 198 -13.33 -2.56 12.60
CA TYR A 198 -12.87 -1.39 13.34
C TYR A 198 -14.01 -1.01 14.28
N LEU A 199 -13.94 -1.52 15.49
CA LEU A 199 -14.97 -1.30 16.50
C LEU A 199 -15.38 0.15 16.84
N PRO A 200 -14.42 1.08 16.90
CA PRO A 200 -14.77 2.47 17.23
C PRO A 200 -15.65 3.16 16.18
N PHE A 201 -15.84 2.55 15.02
CA PHE A 201 -16.68 3.17 14.00
C PHE A 201 -18.12 3.28 14.51
N ARG A 202 -18.57 2.23 15.18
CA ARG A 202 -19.93 2.19 15.74
C ARG A 202 -19.96 2.62 17.21
N ASP A 203 -18.82 2.49 17.88
CA ASP A 203 -18.71 2.88 19.29
C ASP A 203 -17.44 3.71 19.45
N PRO A 204 -17.53 5.03 19.28
CA PRO A 204 -16.39 5.94 19.39
C PRO A 204 -15.69 5.89 20.75
N ASN A 205 -16.39 5.38 21.76
CA ASN A 205 -15.81 5.27 23.09
C ASN A 205 -14.92 4.04 23.23
N SER A 206 -15.00 3.15 22.25
CA SER A 206 -14.19 1.94 22.24
C SER A 206 -12.70 2.27 22.15
N GLU A 207 -11.90 1.55 22.91
CA GLU A 207 -10.45 1.77 22.94
C GLU A 207 -9.73 0.74 22.08
N GLU A 208 -10.47 -0.19 21.49
CA GLU A 208 -9.87 -1.22 20.65
C GLU A 208 -9.72 -0.67 19.23
N ASN A 209 -8.49 -0.33 18.86
CA ASN A 209 -8.21 0.26 17.56
C ASN A 209 -7.72 -0.64 16.44
N SER A 210 -7.84 -1.96 16.59
CA SER A 210 -7.41 -2.86 15.53
C SER A 210 -8.24 -2.65 14.27
N ASN A 211 -7.65 -2.97 13.13
CA ASN A 211 -8.31 -2.85 11.83
C ASN A 211 -8.56 -1.41 11.41
N ASP A 212 -7.65 -0.51 11.77
CA ASP A 212 -7.79 0.90 11.42
C ASP A 212 -7.34 1.06 9.97
N ILE A 213 -8.27 0.77 9.05
CA ILE A 213 -7.95 0.84 7.63
C ILE A 213 -9.23 1.08 6.83
N ALA A 214 -9.10 1.80 5.72
CA ALA A 214 -10.24 2.10 4.87
C ALA A 214 -9.78 2.46 3.48
N LEU A 215 -10.66 2.29 2.51
CA LEU A 215 -10.39 2.61 1.12
C LEU A 215 -11.31 3.74 0.67
N VAL A 216 -10.75 4.67 -0.10
CA VAL A 216 -11.51 5.79 -0.62
C VAL A 216 -11.52 5.70 -2.14
N HIS A 217 -12.71 5.63 -2.73
CA HIS A 217 -12.83 5.58 -4.18
C HIS A 217 -13.18 6.99 -4.65
N LEU A 218 -12.29 7.61 -5.42
CA LEU A 218 -12.51 8.96 -5.93
C LEU A 218 -13.62 8.97 -6.96
N SER A 219 -14.31 10.10 -7.08
CA SER A 219 -15.42 10.22 -8.04
C SER A 219 -14.97 10.12 -9.51
N SER A 220 -13.68 10.35 -9.74
CA SER A 220 -13.08 10.24 -11.07
C SER A 220 -11.60 9.96 -10.84
N PRO A 221 -10.91 9.40 -11.85
CA PRO A 221 -9.49 9.09 -11.68
C PRO A 221 -8.56 10.29 -11.87
N LEU A 222 -7.50 10.31 -11.06
CA LEU A 222 -6.49 11.34 -11.15
C LEU A 222 -5.52 10.92 -12.25
N PRO A 223 -5.00 11.89 -13.02
CA PRO A 223 -4.05 11.49 -14.06
C PRO A 223 -2.71 11.15 -13.39
N LEU A 224 -1.98 10.17 -13.94
CA LEU A 224 -0.70 9.80 -13.37
C LEU A 224 0.37 10.66 -14.02
N THR A 225 1.13 11.36 -13.20
CA THR A 225 2.17 12.28 -13.67
C THR A 225 3.42 12.13 -12.81
N GLU A 226 4.36 13.06 -12.97
CA GLU A 226 5.58 13.01 -12.17
C GLU A 226 5.27 13.42 -10.73
N TYR A 227 4.07 13.92 -10.48
CA TYR A 227 3.69 14.35 -9.14
C TYR A 227 2.59 13.50 -8.53
N ILE A 228 2.00 12.61 -9.33
CA ILE A 228 0.92 11.74 -8.87
C ILE A 228 1.17 10.32 -9.37
N GLN A 229 1.46 9.41 -8.45
CA GLN A 229 1.73 8.01 -8.78
C GLN A 229 1.25 7.11 -7.66
N PRO A 230 0.83 5.88 -8.00
CA PRO A 230 0.38 4.96 -6.95
C PRO A 230 1.58 4.30 -6.27
N VAL A 231 1.40 3.91 -5.01
CA VAL A 231 2.45 3.23 -4.26
C VAL A 231 2.16 1.73 -4.33
N CYS A 232 3.18 0.90 -4.20
CA CYS A 232 2.96 -0.54 -4.25
C CYS A 232 2.56 -1.07 -2.89
N LEU A 233 2.13 -2.34 -2.88
CA LEU A 233 1.76 -2.99 -1.64
C LEU A 233 2.81 -4.04 -1.37
N PRO A 234 2.91 -4.50 -0.10
CA PRO A 234 3.92 -5.52 0.17
C PRO A 234 3.59 -6.74 -0.68
N ALA A 235 4.61 -7.47 -1.12
CA ALA A 235 4.38 -8.66 -1.94
C ALA A 235 3.90 -9.79 -1.02
N ALA A 236 3.27 -10.80 -1.60
CA ALA A 236 2.76 -11.91 -0.80
C ALA A 236 3.90 -12.60 -0.03
N GLY A 237 3.73 -12.69 1.29
CA GLY A 237 4.74 -13.33 2.12
C GLY A 237 5.90 -12.43 2.50
N GLN A 238 5.89 -11.19 1.99
CA GLN A 238 6.97 -10.25 2.32
C GLN A 238 6.83 -9.81 3.77
N ALA A 239 7.85 -10.12 4.56
CA ALA A 239 7.84 -9.77 5.97
C ALA A 239 8.30 -8.36 6.28
N LEU A 240 7.84 -7.85 7.41
CA LEU A 240 8.21 -6.54 7.91
C LEU A 240 9.51 -6.82 8.67
N VAL A 241 10.59 -6.16 8.29
CA VAL A 241 11.87 -6.41 8.96
C VAL A 241 12.18 -5.46 10.11
N ASP A 242 12.31 -6.02 11.31
CA ASP A 242 12.62 -5.24 12.49
C ASP A 242 13.92 -4.47 12.29
N GLY A 243 13.89 -3.18 12.62
CA GLY A 243 15.08 -2.38 12.51
C GLY A 243 15.21 -1.63 11.20
N LYS A 244 14.50 -2.08 10.16
CA LYS A 244 14.59 -1.40 8.87
C LYS A 244 14.05 0.01 8.97
N ILE A 245 14.77 0.96 8.37
CA ILE A 245 14.37 2.35 8.38
C ILE A 245 13.51 2.68 7.19
N CYS A 246 12.28 3.09 7.46
CA CYS A 246 11.35 3.45 6.40
C CYS A 246 11.01 4.92 6.56
N THR A 247 10.14 5.43 5.70
CA THR A 247 9.77 6.83 5.74
C THR A 247 8.27 7.04 5.93
N VAL A 248 7.93 8.01 6.77
CA VAL A 248 6.53 8.35 7.01
C VAL A 248 6.37 9.81 6.57
N THR A 249 5.27 10.11 5.89
CA THR A 249 5.04 11.48 5.42
C THR A 249 3.65 11.98 5.80
N GLY A 250 3.49 13.30 5.85
CA GLY A 250 2.18 13.89 6.12
C GLY A 250 2.19 15.37 6.43
N TRP A 251 1.00 15.95 6.51
CA TRP A 251 0.85 17.37 6.82
C TRP A 251 0.39 17.59 8.25
N GLY A 252 0.51 16.55 9.07
CA GLY A 252 0.01 16.64 10.44
C GLY A 252 0.79 17.62 11.30
N ASN A 253 0.35 17.77 12.54
CA ASN A 253 1.01 18.69 13.47
C ASN A 253 2.50 18.41 13.56
N THR A 254 3.31 19.46 13.52
CA THR A 254 4.76 19.32 13.57
C THR A 254 5.30 19.14 14.99
N GLN A 255 4.39 19.30 15.95
CA GLN A 255 4.63 19.10 17.38
C GLN A 255 3.21 18.84 17.89
N TYR A 256 3.05 18.05 18.93
CA TYR A 256 1.70 17.76 19.39
C TYR A 256 0.86 19.02 19.62
N TYR A 257 1.45 20.03 20.24
CA TYR A 257 0.73 21.27 20.51
C TYR A 257 0.99 22.31 19.43
N GLY A 258 1.63 21.90 18.34
CA GLY A 258 1.88 22.80 17.24
C GLY A 258 0.79 22.74 16.18
N GLN A 259 1.02 23.45 15.08
CA GLN A 259 0.06 23.48 13.99
C GLN A 259 0.44 22.50 12.91
N GLN A 260 -0.45 22.30 11.95
CA GLN A 260 -0.20 21.41 10.84
C GLN A 260 0.88 22.02 9.96
N ALA A 261 1.53 21.19 9.16
CA ALA A 261 2.58 21.67 8.27
C ALA A 261 1.94 22.31 7.03
N GLY A 262 2.44 23.47 6.64
CA GLY A 262 2.07 24.05 5.36
C GLY A 262 2.63 23.27 4.18
N VAL A 263 3.78 22.63 4.38
CA VAL A 263 4.42 21.85 3.34
C VAL A 263 4.58 20.42 3.85
N LEU A 264 4.27 19.46 2.98
CA LEU A 264 4.36 18.05 3.33
C LEU A 264 5.70 17.74 3.99
N GLN A 265 5.65 16.99 5.10
CA GLN A 265 6.86 16.62 5.84
C GLN A 265 7.23 15.16 5.61
N GLU A 266 8.53 14.88 5.72
CA GLU A 266 9.01 13.52 5.60
C GLU A 266 9.93 13.23 6.77
N ALA A 267 9.90 11.99 7.25
CA ALA A 267 10.74 11.59 8.37
C ALA A 267 11.08 10.12 8.25
N ARG A 268 12.29 9.76 8.66
CA ARG A 268 12.72 8.37 8.60
C ARG A 268 12.66 7.78 10.00
N VAL A 269 12.01 6.63 10.13
CA VAL A 269 11.86 5.94 11.40
C VAL A 269 12.03 4.44 11.23
N PRO A 270 12.71 3.78 12.17
CA PRO A 270 12.91 2.34 12.09
C PRO A 270 11.76 1.53 12.69
N ILE A 271 11.57 0.33 12.16
CA ILE A 271 10.53 -0.57 12.64
C ILE A 271 10.99 -1.15 13.98
N ILE A 272 10.07 -1.17 14.94
CA ILE A 272 10.37 -1.70 16.27
C ILE A 272 9.64 -3.03 16.44
N SER A 273 10.30 -4.01 17.04
CA SER A 273 9.69 -5.33 17.25
C SER A 273 8.52 -5.29 18.22
N ASN A 274 7.59 -6.23 18.07
CA ASN A 274 6.43 -6.33 18.95
C ASN A 274 6.88 -6.63 20.37
N ASP A 275 7.93 -7.45 20.51
CA ASP A 275 8.44 -7.80 21.82
C ASP A 275 8.82 -6.55 22.61
N VAL A 276 9.51 -5.64 21.95
CA VAL A 276 9.92 -4.39 22.58
C VAL A 276 8.75 -3.45 22.76
N CYS A 277 7.98 -3.23 21.70
CA CYS A 277 6.87 -2.29 21.77
C CYS A 277 5.75 -2.65 22.73
N ASN A 278 5.55 -3.94 22.98
CA ASN A 278 4.49 -4.35 23.90
C ASN A 278 4.99 -4.43 25.35
N GLY A 279 6.28 -4.15 25.55
CA GLY A 279 6.83 -4.07 26.89
C GLY A 279 6.21 -2.95 27.72
N ALA A 280 6.27 -3.09 29.04
CA ALA A 280 5.71 -2.11 29.96
C ALA A 280 6.25 -0.68 29.78
N ASP A 281 7.52 -0.55 29.42
CA ASP A 281 8.14 0.76 29.23
C ASP A 281 7.63 1.43 27.96
N PHE A 282 7.05 0.64 27.06
CA PHE A 282 6.53 1.17 25.81
C PHE A 282 5.01 1.23 25.83
N TYR A 283 4.34 0.32 25.14
CA TYR A 283 2.87 0.35 25.10
C TYR A 283 2.15 -0.76 25.83
N GLY A 284 2.89 -1.57 26.59
CA GLY A 284 2.25 -2.39 27.62
C GLY A 284 1.10 -3.24 27.12
N ASN A 285 1.39 -4.14 26.19
CA ASN A 285 0.41 -5.06 25.61
C ASN A 285 -0.70 -4.42 24.76
N GLN A 286 -0.51 -3.17 24.35
CA GLN A 286 -1.52 -2.48 23.55
C GLN A 286 -1.33 -2.66 22.04
N ILE A 287 -0.19 -3.21 21.64
CA ILE A 287 0.10 -3.44 20.22
C ILE A 287 -0.49 -4.80 19.83
N LYS A 288 -1.69 -4.76 19.27
CA LYS A 288 -2.42 -5.96 18.87
C LYS A 288 -1.98 -6.49 17.51
N PRO A 289 -2.47 -7.68 17.14
CA PRO A 289 -2.08 -8.22 15.83
C PRO A 289 -2.51 -7.26 14.73
N LYS A 290 -1.74 -7.22 13.66
CA LYS A 290 -2.03 -6.35 12.52
C LYS A 290 -1.68 -4.88 12.80
N MET A 291 -0.91 -4.66 13.86
CA MET A 291 -0.41 -3.33 14.26
C MET A 291 1.09 -3.47 14.46
N PHE A 292 1.83 -2.38 14.32
CA PHE A 292 3.26 -2.41 14.57
C PHE A 292 3.75 -1.01 14.92
N CYS A 293 4.90 -0.96 15.58
CA CYS A 293 5.48 0.31 15.97
C CYS A 293 6.67 0.68 15.12
N ALA A 294 6.91 1.99 15.03
CA ALA A 294 8.03 2.51 14.29
C ALA A 294 8.36 3.87 14.89
N GLY A 295 9.65 4.12 15.08
CA GLY A 295 10.09 5.26 15.86
C GLY A 295 11.41 5.02 16.54
N TYR A 296 11.78 5.92 17.45
CA TYR A 296 13.04 5.79 18.18
C TYR A 296 12.78 5.70 19.67
N PRO A 297 13.52 4.85 20.38
CA PRO A 297 13.29 4.75 21.83
C PRO A 297 13.45 6.13 22.48
N GLU A 298 14.27 6.96 21.84
CA GLU A 298 14.56 8.30 22.31
C GLU A 298 13.46 9.31 21.95
N GLY A 299 12.53 8.88 21.09
CA GLY A 299 11.52 9.79 20.57
C GLY A 299 12.12 10.85 19.64
N GLY A 300 11.49 12.02 19.59
CA GLY A 300 11.98 13.11 18.76
C GLY A 300 11.49 13.15 17.33
N ILE A 301 11.27 11.99 16.72
CA ILE A 301 10.82 11.89 15.34
C ILE A 301 9.64 10.93 15.34
N ASP A 302 8.50 11.38 14.81
CA ASP A 302 7.29 10.55 14.86
C ASP A 302 6.19 11.20 14.04
N ALA A 303 5.10 10.46 13.83
CA ALA A 303 3.93 10.98 13.12
C ALA A 303 3.11 11.66 14.22
N CYS A 304 1.97 12.25 13.86
CA CYS A 304 1.16 12.93 14.85
C CYS A 304 -0.26 13.12 14.33
N GLN A 305 -1.10 13.83 15.09
CA GLN A 305 -2.46 14.07 14.63
C GLN A 305 -2.41 14.80 13.28
N GLY A 306 -3.35 14.46 12.41
CA GLY A 306 -3.33 14.99 11.06
C GLY A 306 -2.55 14.12 10.09
N ASP A 307 -1.79 13.16 10.60
CA ASP A 307 -1.02 12.27 9.74
C ASP A 307 -1.71 10.93 9.53
N SER A 308 -2.72 10.64 10.34
CA SER A 308 -3.42 9.36 10.21
C SER A 308 -3.87 9.04 8.80
N GLY A 309 -3.78 7.77 8.43
CA GLY A 309 -4.19 7.34 7.11
C GLY A 309 -3.08 7.50 6.10
N GLY A 310 -2.06 8.27 6.48
CA GLY A 310 -0.91 8.53 5.61
C GLY A 310 0.03 7.35 5.44
N PRO A 311 0.98 7.45 4.52
CA PRO A 311 1.94 6.38 4.25
C PRO A 311 3.17 6.24 5.14
N PHE A 312 3.49 4.98 5.39
CA PHE A 312 4.71 4.56 6.07
C PHE A 312 5.20 3.62 4.97
N VAL A 313 6.18 4.10 4.21
CA VAL A 313 6.70 3.33 3.08
C VAL A 313 8.14 2.87 3.23
N CYS A 314 8.41 1.67 2.70
CA CYS A 314 9.76 1.10 2.76
C CYS A 314 10.18 0.77 1.33
N GLU A 315 11.43 1.07 1.00
CA GLU A 315 11.93 0.80 -0.33
C GLU A 315 12.68 -0.53 -0.42
N ASP A 316 12.52 -1.22 -1.54
CA ASP A 316 13.22 -2.48 -1.75
C ASP A 316 13.45 -2.68 -3.24
N SER A 317 14.25 -3.69 -3.57
CA SER A 317 14.54 -3.99 -4.97
C SER A 317 14.24 -5.45 -5.26
N ILE A 318 13.29 -6.03 -4.53
CA ILE A 318 12.96 -7.44 -4.76
C ILE A 318 12.33 -7.70 -6.13
N SER A 319 11.88 -6.64 -6.79
CA SER A 319 11.30 -6.77 -8.13
C SER A 319 12.32 -6.38 -9.21
N ARG A 320 13.61 -6.40 -8.85
CA ARG A 320 14.70 -6.05 -9.76
C ARG A 320 14.87 -4.58 -10.06
N THR A 321 14.11 -3.74 -9.36
CA THR A 321 14.19 -2.31 -9.53
C THR A 321 13.66 -1.72 -8.24
N PRO A 322 14.25 -0.61 -7.78
CA PRO A 322 13.78 0.01 -6.53
C PRO A 322 12.32 0.43 -6.59
N ARG A 323 11.56 0.04 -5.57
CA ARG A 323 10.15 0.41 -5.49
C ARG A 323 9.80 0.68 -4.03
N TRP A 324 8.91 1.65 -3.83
CA TRP A 324 8.46 1.97 -2.49
C TRP A 324 7.16 1.21 -2.27
N ARG A 325 7.03 0.60 -1.09
CA ARG A 325 5.84 -0.17 -0.76
C ARG A 325 5.18 0.37 0.50
N LEU A 326 3.86 0.41 0.48
CA LEU A 326 3.08 0.88 1.62
C LEU A 326 3.01 -0.23 2.66
N CYS A 327 3.86 -0.15 3.67
CA CYS A 327 3.91 -1.18 4.72
C CYS A 327 3.13 -0.83 5.96
N GLY A 328 2.89 0.44 6.18
CA GLY A 328 2.03 0.83 7.28
C GLY A 328 1.17 2.04 6.99
N ILE A 329 0.14 2.20 7.82
CA ILE A 329 -0.78 3.34 7.72
C ILE A 329 -0.73 3.99 9.09
N VAL A 330 -0.48 5.30 9.13
CA VAL A 330 -0.42 6.01 10.42
C VAL A 330 -1.73 5.79 11.16
N SER A 331 -1.67 5.25 12.39
CA SER A 331 -2.87 4.98 13.17
C SER A 331 -3.00 5.70 14.50
N TRP A 332 -2.08 5.46 15.44
CA TRP A 332 -2.18 6.11 16.75
C TRP A 332 -0.85 6.20 17.50
N GLY A 333 -0.88 6.89 18.63
CA GLY A 333 0.24 6.86 19.55
C GLY A 333 -0.11 7.65 20.80
N THR A 334 0.77 7.61 21.79
CA THR A 334 0.54 8.35 23.01
C THR A 334 1.33 9.65 22.93
N GLY A 335 0.63 10.78 22.85
CA GLY A 335 1.24 12.01 22.40
C GLY A 335 1.96 11.86 21.06
N CYS A 336 3.01 12.64 20.85
CA CYS A 336 3.80 12.56 19.63
C CYS A 336 5.26 12.81 19.93
N ALA A 337 6.11 11.95 19.39
CA ALA A 337 7.56 12.04 19.55
C ALA A 337 8.07 11.86 20.98
N LEU A 338 7.26 11.25 21.85
CA LEU A 338 7.70 11.01 23.22
C LEU A 338 8.64 9.81 23.26
N ALA A 339 9.59 9.84 24.17
CA ALA A 339 10.53 8.73 24.31
C ALA A 339 9.72 7.50 24.71
N GLN A 340 10.06 6.36 24.13
CA GLN A 340 9.41 5.10 24.42
C GLN A 340 7.90 5.04 24.12
N LYS A 341 7.44 5.96 23.28
CA LYS A 341 6.04 5.98 22.85
C LYS A 341 6.09 6.24 21.35
N PRO A 342 6.58 5.25 20.58
CA PRO A 342 6.67 5.37 19.12
C PRO A 342 5.32 5.44 18.45
N GLY A 343 5.33 5.70 17.15
CA GLY A 343 4.09 5.68 16.41
C GLY A 343 3.60 4.26 16.16
N VAL A 344 2.29 4.09 16.17
CA VAL A 344 1.69 2.78 15.93
C VAL A 344 1.02 2.84 14.57
N TYR A 345 1.26 1.81 13.76
CA TYR A 345 0.76 1.74 12.40
C TYR A 345 -0.01 0.47 12.09
N THR A 346 -0.96 0.56 11.17
CA THR A 346 -1.73 -0.60 10.74
C THR A 346 -0.77 -1.37 9.83
N LYS A 347 -0.62 -2.67 10.07
CA LYS A 347 0.26 -3.51 9.26
C LYS A 347 -0.43 -3.86 7.95
N VAL A 348 -0.09 -3.13 6.90
CA VAL A 348 -0.71 -3.32 5.59
C VAL A 348 -0.66 -4.73 5.02
N SER A 349 0.46 -5.43 5.21
CA SER A 349 0.58 -6.79 4.68
C SER A 349 -0.51 -7.72 5.20
N ASP A 350 -1.00 -7.46 6.41
CA ASP A 350 -2.06 -8.27 7.00
C ASP A 350 -3.43 -7.99 6.42
N PHE A 351 -3.52 -7.01 5.53
CA PHE A 351 -4.79 -6.66 4.90
C PHE A 351 -4.75 -6.73 3.38
N ARG A 352 -3.74 -7.39 2.83
CA ARG A 352 -3.61 -7.52 1.38
C ARG A 352 -4.89 -8.05 0.72
N GLU A 353 -5.37 -9.19 1.19
CA GLU A 353 -6.58 -9.78 0.62
C GLU A 353 -7.82 -8.93 0.84
N TRP A 354 -7.87 -8.24 1.98
CA TRP A 354 -9.00 -7.37 2.29
C TRP A 354 -9.04 -6.26 1.25
N ILE A 355 -7.87 -5.73 0.93
CA ILE A 355 -7.76 -4.65 -0.05
C ILE A 355 -8.18 -5.12 -1.44
N PHE A 356 -7.58 -6.21 -1.93
CA PHE A 356 -7.90 -6.73 -3.25
C PHE A 356 -9.39 -7.03 -3.41
N GLN A 357 -9.97 -7.69 -2.40
CA GLN A 357 -11.39 -8.05 -2.46
C GLN A 357 -12.34 -6.87 -2.28
N ALA A 358 -11.96 -5.90 -1.46
CA ALA A 358 -12.82 -4.74 -1.24
C ALA A 358 -13.01 -3.94 -2.53
N ILE A 359 -11.92 -3.76 -3.26
CA ILE A 359 -11.96 -3.04 -4.53
C ILE A 359 -12.77 -3.78 -5.58
N LYS A 360 -12.74 -5.10 -5.51
CA LYS A 360 -13.49 -5.93 -6.46
C LYS A 360 -14.98 -5.92 -6.14
N THR A 361 -15.30 -6.19 -4.87
CA THR A 361 -16.68 -6.24 -4.41
C THR A 361 -17.42 -4.91 -4.49
N HIS A 362 -16.73 -3.83 -4.15
CA HIS A 362 -17.33 -2.50 -4.15
C HIS A 362 -16.77 -1.59 -5.22
N SER A 363 -16.43 -2.15 -6.37
CA SER A 363 -15.85 -1.40 -7.48
C SER A 363 -16.59 -0.11 -7.86
N GLU A 364 -17.93 -0.16 -7.85
CA GLU A 364 -18.71 1.01 -8.21
C GLU A 364 -19.76 1.40 -7.18
N ALA A 365 -19.55 0.98 -5.94
CA ALA A 365 -20.46 1.31 -4.86
C ALA A 365 -20.37 2.79 -4.55
N SER A 366 -21.37 3.32 -3.86
CA SER A 366 -21.39 4.72 -3.46
C SER A 366 -21.68 4.79 -1.97
N GLY A 367 -21.17 5.83 -1.31
CA GLY A 367 -21.46 6.03 0.10
C GLY A 367 -20.50 5.31 1.03
N MET A 368 -20.84 5.28 2.31
CA MET A 368 -20.04 4.60 3.32
C MET A 368 -20.41 3.12 3.27
N VAL A 369 -19.43 2.26 3.12
CA VAL A 369 -19.68 0.83 3.03
C VAL A 369 -18.78 0.05 3.99
N THR A 370 -19.39 -0.82 4.78
CA THR A 370 -18.62 -1.64 5.72
C THR A 370 -18.17 -2.91 5.01
N GLN A 371 -17.01 -3.43 5.40
CA GLN A 371 -16.48 -4.64 4.79
C GLN A 371 -15.53 -5.38 5.72
N LEU A 372 -15.89 -6.62 6.05
CA LEU A 372 -15.06 -7.44 6.92
C LEU A 372 -13.97 -8.14 6.14
C ACE B 1 -3.51 7.07 25.60
O ACE B 1 -4.74 7.05 25.63
CH3 ACE B 1 -2.75 7.24 26.90
N LYS B 2 -2.82 6.95 24.47
CA LYS B 2 -3.31 6.20 23.33
C LYS B 2 -4.35 7.03 22.56
N GLN B 3 -3.85 7.94 21.72
CA GLN B 3 -4.70 8.82 20.94
C GLN B 3 -4.59 8.56 19.44
N LEU B 4 -5.74 8.44 18.80
CA LEU B 4 -5.81 8.21 17.36
C LEU B 4 -5.20 9.37 16.59
N AR7 B 5 -4.55 9.09 15.47
CA AR7 B 5 -3.97 10.08 14.55
C AR7 B 5 -4.74 10.25 13.26
O AR7 B 5 -4.42 11.37 12.79
CB AR7 B 5 -2.47 9.78 14.38
CG AR7 B 5 -1.70 9.83 15.68
CD AR7 B 5 -0.29 9.29 15.51
NE AR7 B 5 0.45 9.45 16.77
CZ AR7 B 5 1.83 9.17 16.83
NH1 AR7 B 5 2.49 8.49 15.79
NH2 AR7 B 5 2.50 9.56 18.01
C1 0QE B 6 -6.24 10.03 13.36
#